data_8PG2
#
_entry.id   8PG2
#
_cell.length_a   39.548
_cell.length_b   67.957
_cell.length_c   40.341
_cell.angle_alpha   90.000
_cell.angle_beta   93.520
_cell.angle_gamma   90.000
#
_symmetry.space_group_name_H-M   'P 1 21 1'
#
loop_
_entity.id
_entity.type
_entity.pdbx_description
1 polymer 'Beta-lactamase VIM-1'
2 non-polymer 'ZINC ION'
3 non-polymer '7-[(1~{S})-1-[5-(3-azanylpropyl)-2-oxidanylidene-1,3-oxazolidin-3-yl]ethyl]-3-[3-fluoranyl-4-(methylsulfonylmethyl)phenyl]-1~{H}-indole-2-carboxylic acid'
4 non-polymer 'DIMETHYL SULFOXIDE'
5 water water
#
_entity_poly.entity_id   1
_entity_poly.type   'polypeptide(L)'
_entity_poly.pdbx_seq_one_letter_code
;MLKVISSLLVYMTASVMAVASPLAHSGEPSGEYPTVNEIPVGEVRLYQIADGVWSHIATQSFDGAVYPSNGLIVRDGDEL
LLIDTAWGAKNTAALLAEIEKQIGLPVTRAVSTHFHDDRVGGVDVLRAAGVATYASPSTRRLAEAEGNEIPTHSLEGLSS
SGDAVRFGPVELFYPGAAHSTDNLVVYVPSANVLYGGCAVHELSSTSAGNVADADLAEWPTSVERIQKHYPEAEVVIPGH
GLPGGLDLLQHTANVVKAHKNRSVAE
;
_entity_poly.pdbx_strand_id   A
#
loop_
_chem_comp.id
_chem_comp.type
_chem_comp.name
_chem_comp.formula
DMS non-polymer 'DIMETHYL SULFOXIDE' 'C2 H6 O S'
YLH non-polymer '7-[(1~{S})-1-[5-(3-azanylpropyl)-2-oxidanylidene-1,3-oxazolidin-3-yl]ethyl]-3-[3-fluoranyl-4-(methylsulfonylmethyl)phenyl]-1~{H}-indole-2-carboxylic acid' 'C25 H28 F N3 O6 S'
ZN non-polymer 'ZINC ION' 'Zn 2'
#
# COMPACT_ATOMS: atom_id res chain seq x y z
N SER A 30 8.28 -6.19 19.75
CA SER A 30 8.29 -5.34 21.00
C SER A 30 8.54 -3.86 20.76
N GLY A 31 8.01 -3.32 19.67
CA GLY A 31 8.06 -1.89 19.40
C GLY A 31 8.71 -1.42 18.11
N GLU A 32 9.70 -2.14 17.60
CA GLU A 32 10.33 -1.79 16.35
C GLU A 32 9.41 -2.17 15.18
N TYR A 33 9.63 -1.60 14.03
CA TYR A 33 8.76 -1.94 12.88
C TYR A 33 9.01 -3.41 12.52
N PRO A 34 7.98 -4.20 12.33
CA PRO A 34 8.23 -5.62 12.13
C PRO A 34 8.66 -5.97 10.75
N THR A 35 9.35 -7.09 10.77
CA THR A 35 9.94 -7.73 9.62
C THR A 35 9.45 -9.20 9.54
N VAL A 36 9.71 -9.87 8.44
N VAL A 36 9.72 -9.90 8.46
CA VAL A 36 9.44 -11.33 8.32
CA VAL A 36 9.32 -11.32 8.41
C VAL A 36 9.96 -12.15 9.48
C VAL A 36 9.63 -12.10 9.67
N ASN A 37 11.07 -11.76 10.07
N ASN A 37 10.68 -11.72 10.45
CA ASN A 37 11.67 -12.61 11.08
CA ASN A 37 11.15 -12.59 11.49
C ASN A 37 10.79 -12.59 12.29
C ASN A 37 10.37 -12.35 12.75
N GLU A 38 9.87 -11.65 12.31
N GLU A 38 9.56 -11.31 12.79
CA GLU A 38 8.83 -11.67 13.27
CA GLU A 38 8.76 -11.03 13.99
C GLU A 38 7.56 -12.06 12.61
C GLU A 38 7.25 -11.30 13.79
N ILE A 39 7.50 -12.20 11.25
N ILE A 39 6.85 -11.79 12.64
CA ILE A 39 6.21 -12.42 10.65
CA ILE A 39 5.45 -12.12 12.36
C ILE A 39 6.17 -13.69 9.83
C ILE A 39 5.29 -13.65 12.36
N PRO A 40 5.72 -14.78 10.43
N PRO A 40 4.57 -14.25 13.30
CA PRO A 40 5.42 -15.97 9.63
CA PRO A 40 4.38 -15.70 13.26
C PRO A 40 4.37 -15.64 8.60
C PRO A 40 3.65 -16.13 12.00
N VAL A 41 4.45 -16.33 7.47
N VAL A 41 3.89 -17.39 11.62
CA VAL A 41 3.38 -16.16 6.50
CA VAL A 41 3.41 -17.92 10.34
C VAL A 41 2.08 -16.63 7.10
C VAL A 41 1.91 -17.72 10.19
N GLY A 42 1.03 -15.81 6.96
N GLY A 42 1.51 -17.13 9.06
CA GLY A 42 -0.27 -16.08 7.58
CA GLY A 42 0.11 -16.84 8.72
C GLY A 42 -0.60 -15.22 8.80
C GLY A 42 -0.54 -15.74 9.54
N GLU A 43 0.41 -14.56 9.37
N GLU A 43 0.24 -14.90 10.23
CA GLU A 43 0.22 -13.68 10.52
CA GLU A 43 -0.34 -13.86 11.07
C GLU A 43 0.23 -12.25 10.07
C GLU A 43 -0.04 -12.49 10.47
N VAL A 44 -0.44 -11.40 10.85
N VAL A 44 -0.63 -11.45 11.09
CA VAL A 44 -0.45 -9.97 10.55
CA VAL A 44 -0.49 -10.07 10.64
C VAL A 44 -0.11 -9.19 11.79
C VAL A 44 -0.14 -9.22 11.84
N ARG A 45 0.71 -8.18 11.64
N ARG A 45 0.68 -8.20 11.63
CA ARG A 45 1.00 -7.24 12.71
CA ARG A 45 1.05 -7.25 12.67
C ARG A 45 0.50 -5.86 12.32
C ARG A 45 0.53 -5.86 12.31
N LEU A 46 0.15 -5.08 13.33
CA LEU A 46 -0.19 -3.69 13.15
C LEU A 46 0.88 -2.84 13.82
N TYR A 47 1.09 -1.65 13.28
CA TYR A 47 2.07 -0.70 13.83
C TYR A 47 1.45 0.66 13.89
N GLN A 48 1.45 1.27 15.05
CA GLN A 48 0.85 2.59 15.19
C GLN A 48 1.79 3.62 14.55
N ILE A 49 1.30 4.38 13.57
CA ILE A 49 2.04 5.39 12.88
C ILE A 49 1.84 6.75 13.48
N ALA A 50 0.60 7.07 13.80
CA ALA A 50 0.20 8.36 14.33
C ALA A 50 -1.16 8.17 14.97
N ASP A 51 -1.71 9.20 15.59
CA ASP A 51 -3.05 9.08 16.12
CA ASP A 51 -3.05 9.09 16.13
C ASP A 51 -4.05 8.73 15.01
N GLY A 52 -4.75 7.62 15.20
CA GLY A 52 -5.72 7.16 14.21
C GLY A 52 -5.14 6.64 12.90
N VAL A 53 -3.84 6.31 12.87
CA VAL A 53 -3.20 5.76 11.68
C VAL A 53 -2.34 4.61 12.06
N TRP A 54 -2.54 3.46 11.43
CA TRP A 54 -1.71 2.27 11.63
C TRP A 54 -1.25 1.80 10.25
N SER A 55 -0.11 1.14 10.21
CA SER A 55 0.18 0.25 9.09
C SER A 55 -0.14 -1.17 9.48
N HIS A 56 -0.40 -2.00 8.48
CA HIS A 56 -0.48 -3.43 8.64
C HIS A 56 0.64 -4.09 7.84
N ILE A 57 1.20 -5.16 8.40
CA ILE A 57 2.37 -5.85 7.82
C ILE A 57 2.06 -7.32 7.82
N ALA A 58 2.29 -7.94 6.65
CA ALA A 58 2.13 -9.38 6.50
C ALA A 58 3.23 -9.89 5.58
N THR A 59 3.33 -11.21 5.50
CA THR A 59 4.34 -11.76 4.59
CA THR A 59 4.34 -11.84 4.69
C THR A 59 3.70 -12.81 3.72
N GLN A 60 4.29 -13.00 2.56
CA GLN A 60 3.77 -13.93 1.58
C GLN A 60 4.90 -14.50 0.76
N SER A 61 4.68 -15.70 0.25
N SER A 61 4.70 -15.69 0.24
CA SER A 61 5.57 -16.37 -0.68
CA SER A 61 5.67 -16.29 -0.66
C SER A 61 5.18 -16.05 -2.11
C SER A 61 5.22 -16.12 -2.09
N PHE A 62 6.19 -15.82 -2.95
CA PHE A 62 5.94 -15.55 -4.36
C PHE A 62 7.15 -16.06 -5.11
N ASP A 63 6.95 -16.99 -6.05
CA ASP A 63 8.04 -17.54 -6.85
C ASP A 63 9.17 -18.06 -5.95
N GLY A 64 8.81 -18.64 -4.83
CA GLY A 64 9.81 -19.34 -3.97
C GLY A 64 10.61 -18.46 -3.05
N ALA A 65 10.21 -17.20 -2.89
CA ALA A 65 10.85 -16.34 -1.90
C ALA A 65 9.75 -15.68 -1.06
N VAL A 66 10.12 -15.22 0.13
CA VAL A 66 9.19 -14.61 1.08
C VAL A 66 9.45 -13.15 1.15
N TYR A 67 8.37 -12.35 1.10
CA TYR A 67 8.43 -10.93 1.11
C TYR A 67 7.48 -10.35 2.13
N PRO A 68 7.82 -9.25 2.78
CA PRO A 68 6.86 -8.48 3.55
C PRO A 68 6.07 -7.53 2.64
N SER A 69 4.90 -7.07 3.12
N SER A 69 4.95 -7.04 3.17
CA SER A 69 4.24 -5.99 2.46
CA SER A 69 4.12 -6.07 2.50
C SER A 69 3.41 -5.23 3.47
C SER A 69 3.40 -5.23 3.52
N ASN A 70 3.21 -3.95 3.19
CA ASN A 70 2.47 -3.02 4.04
C ASN A 70 1.11 -2.68 3.46
N GLY A 71 0.21 -2.27 4.34
CA GLY A 71 -1.00 -1.51 4.01
C GLY A 71 -1.24 -0.49 5.11
N LEU A 72 -2.40 0.19 5.05
CA LEU A 72 -2.71 1.25 5.95
C LEU A 72 -4.11 1.05 6.54
N ILE A 73 -4.29 1.55 7.77
CA ILE A 73 -5.60 1.61 8.43
C ILE A 73 -5.76 3.04 8.96
N VAL A 74 -6.89 3.65 8.66
CA VAL A 74 -7.12 5.04 9.08
C VAL A 74 -8.45 5.13 9.77
N ARG A 75 -8.43 5.64 11.01
N ARG A 75 -8.45 5.65 11.00
CA ARG A 75 -9.67 5.85 11.75
CA ARG A 75 -9.69 5.82 11.74
C ARG A 75 -10.55 6.88 11.03
C ARG A 75 -10.56 6.89 11.07
N ASP A 76 -11.84 6.56 10.92
CA ASP A 76 -12.86 7.31 10.14
C ASP A 76 -14.05 7.40 11.12
N GLY A 77 -13.91 8.22 12.15
CA GLY A 77 -14.95 8.33 13.18
C GLY A 77 -15.00 7.08 14.05
N ASP A 78 -16.12 6.40 14.05
CA ASP A 78 -16.22 5.10 14.68
C ASP A 78 -16.10 3.93 13.72
N GLU A 79 -15.55 4.17 12.52
CA GLU A 79 -15.29 3.11 11.57
C GLU A 79 -13.82 3.22 11.15
N LEU A 80 -13.37 2.26 10.34
CA LEU A 80 -12.03 2.24 9.78
C LEU A 80 -12.06 2.16 8.27
N LEU A 81 -11.14 2.90 7.66
CA LEU A 81 -10.81 2.81 6.25
C LEU A 81 -9.54 1.97 6.13
N LEU A 82 -9.59 0.96 5.28
CA LEU A 82 -8.43 0.09 5.00
C LEU A 82 -7.85 0.46 3.65
N ILE A 83 -6.52 0.57 3.59
CA ILE A 83 -5.80 0.71 2.34
C ILE A 83 -4.99 -0.54 2.12
N ASP A 84 -5.33 -1.28 1.04
CA ASP A 84 -4.70 -2.51 0.57
C ASP A 84 -4.97 -3.70 1.44
N THR A 85 -5.05 -4.85 0.77
CA THR A 85 -5.17 -6.13 1.45
C THR A 85 -3.83 -6.50 2.07
N ALA A 86 -3.81 -7.65 2.75
CA ALA A 86 -2.59 -8.20 3.37
C ALA A 86 -1.95 -9.27 2.50
N TRP A 87 -2.20 -9.24 1.19
CA TRP A 87 -1.54 -10.14 0.21
C TRP A 87 -1.98 -11.56 0.39
N GLY A 88 -3.24 -11.82 0.08
CA GLY A 88 -3.84 -13.14 0.08
C GLY A 88 -5.04 -13.23 0.96
N ALA A 89 -5.87 -14.22 0.67
CA ALA A 89 -7.12 -14.45 1.37
C ALA A 89 -6.89 -14.76 2.84
N LYS A 90 -6.03 -15.75 3.13
N LYS A 90 -6.01 -15.74 3.13
CA LYS A 90 -5.80 -16.11 4.53
CA LYS A 90 -5.85 -16.06 4.54
C LYS A 90 -5.17 -14.95 5.31
C LYS A 90 -5.16 -14.95 5.31
N ASN A 91 -4.18 -14.27 4.72
CA ASN A 91 -3.57 -13.11 5.38
C ASN A 91 -4.60 -12.04 5.67
N THR A 92 -5.52 -11.81 4.72
CA THR A 92 -6.51 -10.75 4.87
C THR A 92 -7.53 -11.12 5.95
N ALA A 93 -7.92 -12.40 6.04
CA ALA A 93 -8.76 -12.81 7.17
C ALA A 93 -8.04 -12.56 8.50
N ALA A 94 -6.75 -12.88 8.56
CA ALA A 94 -5.95 -12.65 9.75
C ALA A 94 -5.83 -11.16 10.05
N LEU A 95 -5.77 -10.31 9.01
CA LEU A 95 -5.77 -8.88 9.19
C LEU A 95 -7.04 -8.41 9.90
N LEU A 96 -8.19 -8.85 9.41
CA LEU A 96 -9.45 -8.46 10.04
C LEU A 96 -9.49 -8.89 11.49
N ALA A 97 -8.99 -10.09 11.79
CA ALA A 97 -8.97 -10.53 13.19
C ALA A 97 -8.05 -9.67 14.04
N GLU A 98 -6.88 -9.33 13.51
CA GLU A 98 -5.93 -8.49 14.23
C GLU A 98 -6.51 -7.10 14.49
N ILE A 99 -7.23 -6.53 13.53
CA ILE A 99 -7.87 -5.24 13.71
C ILE A 99 -8.91 -5.32 14.82
N GLU A 100 -9.69 -6.39 14.84
CA GLU A 100 -10.70 -6.52 15.88
C GLU A 100 -10.06 -6.63 17.25
N LYS A 101 -8.96 -7.36 17.34
CA LYS A 101 -8.24 -7.50 18.60
C LYS A 101 -7.63 -6.19 19.08
N GLN A 102 -6.99 -5.46 18.19
CA GLN A 102 -6.15 -4.34 18.59
C GLN A 102 -6.89 -3.01 18.56
N ILE A 103 -7.89 -2.87 17.73
CA ILE A 103 -8.59 -1.59 17.50
C ILE A 103 -10.06 -1.69 17.85
N GLY A 104 -10.74 -2.72 17.39
CA GLY A 104 -12.11 -3.00 17.79
C GLY A 104 -13.14 -2.14 17.12
N LEU A 105 -12.83 -1.51 16.01
CA LEU A 105 -13.80 -0.74 15.21
C LEU A 105 -13.96 -1.43 13.87
N PRO A 106 -15.13 -1.33 13.25
CA PRO A 106 -15.38 -2.10 12.03
C PRO A 106 -14.70 -1.44 10.81
N VAL A 107 -14.15 -2.31 9.96
CA VAL A 107 -13.64 -1.85 8.66
C VAL A 107 -14.83 -1.79 7.73
N THR A 108 -15.12 -0.58 7.22
CA THR A 108 -16.31 -0.42 6.36
C THR A 108 -15.97 -0.25 4.90
N ARG A 109 -14.79 0.26 4.57
CA ARG A 109 -14.40 0.54 3.19
C ARG A 109 -12.94 0.18 3.08
N ALA A 110 -12.55 -0.22 1.85
CA ALA A 110 -11.15 -0.49 1.50
C ALA A 110 -10.87 0.06 0.14
N VAL A 111 -9.66 0.58 -0.03
CA VAL A 111 -9.15 1.04 -1.32
C VAL A 111 -7.90 0.23 -1.63
N SER A 112 -7.81 -0.29 -2.85
CA SER A 112 -6.60 -0.94 -3.33
C SER A 112 -5.86 -0.01 -4.26
N THR A 113 -4.55 0.12 -4.03
CA THR A 113 -3.76 1.16 -4.65
C THR A 113 -3.11 0.76 -5.98
N HIS A 114 -3.12 -0.54 -6.34
CA HIS A 114 -2.89 -1.00 -7.72
C HIS A 114 -3.38 -2.42 -7.81
N PHE A 115 -3.18 -3.05 -8.96
CA PHE A 115 -3.87 -4.29 -9.31
C PHE A 115 -3.18 -5.56 -8.89
N HIS A 116 -1.98 -5.51 -8.35
CA HIS A 116 -1.23 -6.72 -8.00
C HIS A 116 -1.81 -7.38 -6.75
N ASP A 117 -1.44 -8.66 -6.57
CA ASP A 117 -2.00 -9.49 -5.50
C ASP A 117 -1.71 -8.99 -4.11
N ASP A 118 -0.59 -8.27 -3.90
CA ASP A 118 -0.30 -7.66 -2.61
C ASP A 118 -1.22 -6.48 -2.27
N ARG A 119 -2.08 -6.06 -3.18
CA ARG A 119 -3.01 -4.97 -3.01
C ARG A 119 -4.47 -5.40 -3.08
N VAL A 120 -4.78 -6.37 -3.93
CA VAL A 120 -6.15 -6.84 -4.12
C VAL A 120 -6.37 -8.26 -3.68
N GLY A 121 -5.32 -9.05 -3.43
CA GLY A 121 -5.53 -10.45 -2.99
C GLY A 121 -6.07 -10.45 -1.59
N GLY A 122 -7.32 -10.88 -1.41
CA GLY A 122 -8.05 -10.68 -0.19
C GLY A 122 -9.30 -9.82 -0.34
N VAL A 123 -9.49 -9.19 -1.47
CA VAL A 123 -10.70 -8.40 -1.69
C VAL A 123 -11.96 -9.27 -1.58
N ASP A 124 -11.91 -10.54 -2.00
CA ASP A 124 -13.11 -11.37 -1.86
C ASP A 124 -13.41 -11.61 -0.36
N VAL A 125 -12.38 -11.86 0.44
CA VAL A 125 -12.54 -11.96 1.91
C VAL A 125 -13.18 -10.68 2.44
N LEU A 126 -12.66 -9.51 2.06
CA LEU A 126 -13.21 -8.25 2.56
C LEU A 126 -14.67 -8.14 2.19
N ARG A 127 -14.98 -8.40 0.94
CA ARG A 127 -16.35 -8.26 0.45
C ARG A 127 -17.30 -9.17 1.20
N ALA A 128 -16.88 -10.37 1.61
CA ALA A 128 -17.72 -11.24 2.44
C ALA A 128 -17.72 -10.89 3.93
N ALA A 129 -16.92 -9.98 4.37
CA ALA A 129 -16.92 -9.50 5.72
C ALA A 129 -17.56 -8.09 5.86
N GLY A 130 -18.33 -7.65 4.86
CA GLY A 130 -19.09 -6.40 4.97
C GLY A 130 -18.33 -5.18 4.50
N VAL A 131 -17.16 -5.34 3.94
CA VAL A 131 -16.34 -4.21 3.53
C VAL A 131 -16.66 -3.86 2.07
N ALA A 132 -16.94 -2.61 1.81
CA ALA A 132 -17.10 -2.10 0.46
C ALA A 132 -15.72 -1.84 -0.11
N THR A 133 -15.39 -2.43 -1.25
CA THR A 133 -14.03 -2.38 -1.86
C THR A 133 -14.05 -1.47 -3.08
N TYR A 134 -13.00 -0.68 -3.19
CA TYR A 134 -12.87 0.35 -4.17
C TYR A 134 -11.48 0.29 -4.82
N ALA A 135 -11.42 0.72 -6.10
CA ALA A 135 -10.15 0.96 -6.81
C ALA A 135 -10.47 1.81 -8.03
N SER A 136 -9.44 2.39 -8.62
CA SER A 136 -9.66 3.12 -9.85
C SER A 136 -10.20 2.19 -10.94
N PRO A 137 -10.83 2.73 -11.99
CA PRO A 137 -11.21 1.87 -13.12
C PRO A 137 -10.00 1.22 -13.79
N SER A 138 -8.86 1.89 -13.80
N SER A 138 -8.86 1.89 -13.82
CA SER A 138 -7.66 1.32 -14.38
CA SER A 138 -7.66 1.29 -14.39
C SER A 138 -7.24 0.08 -13.59
C SER A 138 -7.23 0.06 -13.58
N THR A 139 -7.22 0.19 -12.26
CA THR A 139 -6.85 -0.95 -11.43
C THR A 139 -7.86 -2.08 -11.63
N ARG A 140 -9.17 -1.78 -11.68
CA ARG A 140 -10.15 -2.83 -11.85
C ARG A 140 -9.94 -3.57 -13.17
N ARG A 141 -9.69 -2.84 -14.26
CA ARG A 141 -9.47 -3.48 -15.57
C ARG A 141 -8.23 -4.36 -15.53
N LEU A 142 -7.15 -3.85 -14.95
CA LEU A 142 -5.89 -4.60 -14.91
C LEU A 142 -6.04 -5.84 -14.04
N ALA A 143 -6.70 -5.70 -12.90
CA ALA A 143 -6.91 -6.85 -12.02
C ALA A 143 -7.70 -7.93 -12.74
N GLU A 144 -8.79 -7.53 -13.42
CA GLU A 144 -9.61 -8.49 -14.17
C GLU A 144 -8.79 -9.18 -15.24
N ALA A 145 -7.98 -8.45 -15.98
CA ALA A 145 -7.17 -9.06 -17.02
C ALA A 145 -6.12 -9.99 -16.48
N GLU A 146 -5.58 -9.70 -15.31
CA GLU A 146 -4.53 -10.50 -14.66
CA GLU A 146 -4.54 -10.50 -14.68
C GLU A 146 -5.08 -11.75 -14.02
N GLY A 147 -6.38 -11.82 -13.79
CA GLY A 147 -6.94 -12.93 -12.99
C GLY A 147 -6.84 -12.70 -11.51
N ASN A 148 -6.72 -11.44 -11.08
CA ASN A 148 -6.66 -11.11 -9.67
C ASN A 148 -8.05 -10.76 -9.20
N GLU A 149 -8.23 -10.65 -7.89
CA GLU A 149 -9.52 -10.27 -7.32
C GLU A 149 -9.80 -8.80 -7.62
N ILE A 150 -11.09 -8.50 -7.77
CA ILE A 150 -11.51 -7.25 -8.38
C ILE A 150 -12.32 -6.45 -7.37
N PRO A 151 -11.85 -5.27 -6.94
CA PRO A 151 -12.68 -4.41 -6.09
C PRO A 151 -14.03 -4.09 -6.75
N THR A 152 -15.04 -3.89 -5.95
CA THR A 152 -16.41 -3.70 -6.47
C THR A 152 -16.63 -2.36 -7.14
N HIS A 153 -16.14 -1.29 -6.53
CA HIS A 153 -16.53 0.07 -6.88
C HIS A 153 -15.40 0.83 -7.54
N SER A 154 -15.68 1.58 -8.57
CA SER A 154 -14.75 2.40 -9.30
C SER A 154 -14.58 3.77 -8.69
N LEU A 155 -13.33 4.20 -8.59
CA LEU A 155 -12.97 5.55 -8.13
C LEU A 155 -12.65 6.44 -9.32
N GLU A 156 -13.58 7.27 -9.70
CA GLU A 156 -13.43 8.25 -10.76
C GLU A 156 -12.62 9.44 -10.26
N GLY A 157 -12.23 10.28 -11.20
CA GLY A 157 -11.50 11.47 -10.82
C GLY A 157 -10.04 11.33 -10.61
N LEU A 158 -9.45 10.19 -11.00
CA LEU A 158 -8.03 9.88 -10.77
C LEU A 158 -7.29 9.49 -12.03
N SER A 159 -7.88 9.79 -13.21
CA SER A 159 -7.31 9.21 -14.42
C SER A 159 -6.16 10.00 -15.00
N SER A 160 -5.94 11.23 -14.58
N SER A 160 -5.92 11.23 -14.53
CA SER A 160 -4.82 12.02 -15.10
CA SER A 160 -4.91 12.13 -15.07
C SER A 160 -3.78 12.28 -14.00
C SER A 160 -3.84 12.38 -14.02
N SER A 161 -2.49 12.19 -14.34
N SER A 161 -2.57 12.32 -14.40
CA SER A 161 -1.47 12.42 -13.33
CA SER A 161 -1.49 12.55 -13.46
C SER A 161 -1.65 13.81 -12.70
C SER A 161 -1.72 13.87 -12.69
N GLY A 162 -1.54 13.84 -11.38
CA GLY A 162 -1.78 15.02 -10.57
C GLY A 162 -3.17 15.10 -9.99
N ASP A 163 -4.09 14.20 -10.41
CA ASP A 163 -5.44 14.17 -9.90
C ASP A 163 -5.44 13.76 -8.44
N ALA A 164 -6.35 14.34 -7.69
CA ALA A 164 -6.57 14.01 -6.29
C ALA A 164 -8.07 14.01 -6.00
N VAL A 165 -8.48 13.13 -5.14
CA VAL A 165 -9.88 13.08 -4.65
C VAL A 165 -9.86 12.76 -3.17
N ARG A 166 -10.87 13.21 -2.44
N ARG A 166 -10.89 13.17 -2.46
CA ARG A 166 -11.04 12.85 -1.04
CA ARG A 166 -11.01 12.82 -1.06
C ARG A 166 -11.80 11.55 -0.92
C ARG A 166 -11.82 11.56 -0.89
N PHE A 167 -11.44 10.76 0.10
CA PHE A 167 -12.09 9.48 0.40
C PHE A 167 -12.03 9.32 1.91
N GLY A 168 -13.10 9.63 2.60
CA GLY A 168 -13.08 9.66 4.04
C GLY A 168 -11.97 10.51 4.55
N PRO A 169 -11.17 9.99 5.48
CA PRO A 169 -10.12 10.78 6.11
C PRO A 169 -8.83 10.84 5.33
N VAL A 170 -8.80 10.40 4.08
CA VAL A 170 -7.60 10.48 3.26
C VAL A 170 -7.86 11.24 1.98
N GLU A 171 -6.74 11.60 1.34
CA GLU A 171 -6.71 12.04 -0.05
C GLU A 171 -6.03 10.98 -0.87
N LEU A 172 -6.63 10.62 -1.99
CA LEU A 172 -6.05 9.72 -2.95
C LEU A 172 -5.46 10.56 -4.06
N PHE A 173 -4.27 10.18 -4.54
CA PHE A 173 -3.53 10.95 -5.51
C PHE A 173 -2.97 10.01 -6.57
N TYR A 174 -3.14 10.34 -7.83
CA TYR A 174 -2.55 9.57 -8.93
C TYR A 174 -1.30 10.31 -9.43
N PRO A 175 -0.10 9.79 -9.16
CA PRO A 175 1.12 10.54 -9.50
C PRO A 175 1.58 10.35 -10.95
N GLY A 176 1.00 9.43 -11.66
CA GLY A 176 1.53 8.94 -12.93
C GLY A 176 2.08 7.54 -12.81
N ALA A 177 2.47 7.00 -13.94
CA ALA A 177 2.99 5.63 -13.95
C ALA A 177 4.33 5.55 -13.21
N ALA A 178 4.52 4.46 -12.46
CA ALA A 178 5.71 4.27 -11.66
C ALA A 178 5.96 2.76 -11.54
N HIS A 179 5.70 2.20 -10.35
CA HIS A 179 5.72 0.75 -10.19
C HIS A 179 4.70 0.07 -11.11
N SER A 180 3.57 0.72 -11.33
CA SER A 180 2.58 0.23 -12.27
C SER A 180 1.92 1.47 -12.89
N THR A 181 1.10 1.28 -13.94
N THR A 181 1.14 1.26 -13.95
CA THR A 181 0.50 2.45 -14.58
CA THR A 181 0.49 2.38 -14.62
C THR A 181 -0.64 3.00 -13.75
C THR A 181 -0.64 2.96 -13.79
N ASP A 182 -1.20 2.18 -12.87
CA ASP A 182 -2.38 2.53 -12.10
C ASP A 182 -2.10 2.93 -10.65
N ASN A 183 -0.85 2.94 -10.23
CA ASN A 183 -0.57 3.08 -8.79
C ASN A 183 -1.06 4.41 -8.25
N LEU A 184 -1.72 4.33 -7.09
CA LEU A 184 -2.21 5.46 -6.32
C LEU A 184 -1.38 5.63 -5.06
N VAL A 185 -1.38 6.88 -4.59
N VAL A 185 -1.24 6.88 -4.61
CA VAL A 185 -0.74 7.30 -3.35
CA VAL A 185 -0.72 7.14 -3.27
C VAL A 185 -1.84 7.79 -2.43
C VAL A 185 -1.83 7.75 -2.42
N VAL A 186 -1.62 7.67 -1.11
CA VAL A 186 -2.64 8.05 -0.13
C VAL A 186 -2.00 8.98 0.87
N TYR A 187 -2.66 10.10 1.17
CA TYR A 187 -2.19 11.05 2.17
C TYR A 187 -3.22 11.16 3.29
N VAL A 188 -2.75 11.17 4.53
CA VAL A 188 -3.61 11.33 5.71
C VAL A 188 -3.37 12.75 6.21
N PRO A 189 -4.21 13.75 5.85
CA PRO A 189 -3.83 15.15 6.16
C PRO A 189 -3.79 15.41 7.66
N SER A 190 -4.56 14.69 8.49
CA SER A 190 -4.58 15.00 9.92
C SER A 190 -3.24 14.72 10.55
N ALA A 191 -2.47 13.81 9.94
CA ALA A 191 -1.23 13.36 10.54
C ALA A 191 -0.03 13.58 9.65
N ASN A 192 -0.22 14.16 8.47
CA ASN A 192 0.87 14.31 7.49
C ASN A 192 1.57 12.99 7.20
N VAL A 193 0.77 11.95 7.05
CA VAL A 193 1.29 10.63 6.67
C VAL A 193 1.10 10.41 5.19
N LEU A 194 2.19 10.11 4.48
CA LEU A 194 2.17 9.79 3.06
C LEU A 194 2.39 8.29 2.91
N TYR A 195 1.37 7.60 2.43
CA TYR A 195 1.47 6.19 2.10
C TYR A 195 1.74 6.10 0.62
N GLY A 196 2.98 5.76 0.27
CA GLY A 196 3.36 5.75 -1.14
C GLY A 196 2.93 4.51 -1.88
N GLY A 197 2.59 3.45 -1.17
CA GLY A 197 2.37 2.17 -1.85
C GLY A 197 3.65 1.77 -2.60
N CYS A 198 3.48 0.98 -3.65
CA CYS A 198 4.61 0.35 -4.26
C CYS A 198 5.38 1.28 -5.19
N ALA A 199 4.86 2.48 -5.43
CA ALA A 199 5.62 3.54 -6.09
C ALA A 199 6.76 4.09 -5.24
N VAL A 200 6.81 3.75 -3.96
CA VAL A 200 7.86 4.23 -3.04
C VAL A 200 8.52 3.03 -2.37
N HIS A 201 9.84 3.03 -2.38
CA HIS A 201 10.65 1.99 -1.75
C HIS A 201 11.29 2.47 -0.48
N GLU A 202 11.63 1.50 0.35
CA GLU A 202 12.29 1.78 1.62
C GLU A 202 13.75 2.17 1.41
N LEU A 203 14.31 2.81 2.41
CA LEU A 203 15.71 3.32 2.29
C LEU A 203 16.72 2.24 2.06
N SER A 204 16.50 1.03 2.59
CA SER A 204 17.50 -0.07 2.34
C SER A 204 17.43 -0.70 0.95
N SER A 205 16.45 -0.36 0.16
N SER A 205 16.46 -0.31 0.14
CA SER A 205 16.28 -1.03 -1.12
CA SER A 205 16.29 -0.88 -1.20
C SER A 205 17.50 -0.81 -2.01
C SER A 205 17.58 -0.77 -2.01
N THR A 206 17.81 -1.86 -2.79
N THR A 206 17.88 -1.86 -2.75
CA THR A 206 18.97 -1.94 -3.69
CA THR A 206 19.01 -1.92 -3.67
C THR A 206 18.58 -2.00 -5.15
C THR A 206 18.60 -1.94 -5.14
N SER A 207 17.31 -2.08 -5.45
CA SER A 207 16.84 -2.13 -6.81
C SER A 207 15.38 -1.77 -6.67
N ALA A 208 14.73 -1.63 -7.80
CA ALA A 208 13.37 -1.14 -7.81
C ALA A 208 12.32 -2.23 -7.60
N GLY A 209 12.65 -3.33 -6.89
CA GLY A 209 11.61 -4.33 -6.55
C GLY A 209 11.12 -5.11 -7.76
N ASN A 210 9.85 -5.44 -7.76
CA ASN A 210 9.26 -6.18 -8.88
C ASN A 210 8.82 -5.19 -9.93
N VAL A 211 9.56 -5.11 -11.02
CA VAL A 211 9.36 -4.14 -12.07
C VAL A 211 8.58 -4.69 -13.23
N ALA A 212 7.91 -5.84 -13.05
CA ALA A 212 7.23 -6.45 -14.19
C ALA A 212 6.32 -5.50 -14.95
N ASP A 213 5.58 -4.66 -14.22
CA ASP A 213 4.57 -3.81 -14.83
C ASP A 213 4.93 -2.33 -14.73
N ALA A 214 6.17 -2.03 -14.43
CA ALA A 214 6.67 -0.70 -14.16
C ALA A 214 6.95 0.11 -15.40
N ASP A 215 7.06 1.42 -15.23
CA ASP A 215 7.55 2.32 -16.27
C ASP A 215 8.75 3.05 -15.68
N LEU A 216 9.96 2.47 -15.81
CA LEU A 216 11.16 3.02 -15.16
C LEU A 216 11.49 4.43 -15.65
N ALA A 217 11.17 4.73 -16.89
CA ALA A 217 11.44 6.04 -17.46
C ALA A 217 10.51 7.12 -16.89
N GLU A 218 9.22 6.81 -16.63
CA GLU A 218 8.31 7.79 -16.07
C GLU A 218 8.36 7.86 -14.56
N TRP A 219 8.81 6.80 -13.91
CA TRP A 219 8.78 6.71 -12.45
C TRP A 219 9.40 7.91 -11.76
N PRO A 220 10.62 8.40 -12.13
CA PRO A 220 11.14 9.57 -11.44
C PRO A 220 10.23 10.77 -11.55
N THR A 221 9.60 10.98 -12.73
CA THR A 221 8.72 12.11 -12.90
C THR A 221 7.52 11.97 -11.99
N SER A 222 7.00 10.75 -11.85
CA SER A 222 5.90 10.52 -10.93
C SER A 222 6.27 10.78 -9.49
N VAL A 223 7.47 10.36 -9.09
CA VAL A 223 7.97 10.65 -7.75
C VAL A 223 8.13 12.13 -7.51
N GLU A 224 8.65 12.84 -8.53
N GLU A 224 8.62 12.85 -8.53
CA GLU A 224 8.74 14.29 -8.38
CA GLU A 224 8.73 14.30 -8.40
C GLU A 224 7.36 14.92 -8.15
C GLU A 224 7.37 14.95 -8.20
N ARG A 225 6.32 14.41 -8.81
CA ARG A 225 4.98 14.92 -8.60
C ARG A 225 4.55 14.71 -7.16
N ILE A 226 4.86 13.53 -6.59
CA ILE A 226 4.53 13.27 -5.20
C ILE A 226 5.24 14.27 -4.32
N GLN A 227 6.55 14.48 -4.54
CA GLN A 227 7.34 15.39 -3.71
C GLN A 227 6.76 16.79 -3.76
N LYS A 228 6.33 17.22 -4.93
CA LYS A 228 5.77 18.56 -5.08
C LYS A 228 4.42 18.69 -4.41
N HIS A 229 3.61 17.63 -4.47
N HIS A 229 3.62 17.62 -4.42
CA HIS A 229 2.26 17.71 -3.92
CA HIS A 229 2.26 17.75 -3.91
C HIS A 229 2.21 17.58 -2.39
C HIS A 229 2.16 17.51 -2.40
N TYR A 230 3.13 16.83 -1.79
CA TYR A 230 3.11 16.54 -0.37
C TYR A 230 4.39 16.95 0.34
N PRO A 231 4.75 18.25 0.31
CA PRO A 231 6.03 18.66 0.87
C PRO A 231 6.05 18.68 2.37
N GLU A 232 4.92 18.55 3.03
CA GLU A 232 4.86 18.57 4.46
C GLU A 232 4.68 17.19 5.04
N ALA A 233 4.84 16.13 4.24
CA ALA A 233 4.77 14.78 4.77
C ALA A 233 5.82 14.59 5.86
N GLU A 234 5.42 13.99 6.95
CA GLU A 234 6.30 13.66 8.06
C GLU A 234 6.71 12.21 8.13
N VAL A 235 5.84 11.33 7.78
CA VAL A 235 6.07 9.90 7.69
C VAL A 235 5.76 9.50 6.28
N VAL A 236 6.64 8.72 5.69
CA VAL A 236 6.46 8.13 4.35
C VAL A 236 6.52 6.63 4.50
N ILE A 237 5.48 5.93 4.04
CA ILE A 237 5.38 4.48 4.17
C ILE A 237 5.50 3.86 2.79
N PRO A 238 6.45 2.96 2.58
CA PRO A 238 6.57 2.29 1.27
C PRO A 238 5.61 1.11 1.20
N GLY A 239 5.42 0.57 -0.01
CA GLY A 239 4.59 -0.60 -0.19
C GLY A 239 5.15 -1.82 0.49
N HIS A 240 6.46 -1.90 0.60
CA HIS A 240 7.17 -3.00 1.24
C HIS A 240 8.33 -2.39 2.04
N GLY A 241 8.47 -2.79 3.28
CA GLY A 241 9.60 -2.36 4.11
C GLY A 241 9.30 -1.24 5.07
N LEU A 242 10.37 -0.63 5.57
N LEU A 242 10.38 -0.64 5.57
CA LEU A 242 10.30 0.25 6.71
CA LEU A 242 10.28 0.25 6.72
C LEU A 242 9.85 1.66 6.34
C LEU A 242 9.84 1.66 6.34
N PRO A 243 8.92 2.26 7.12
CA PRO A 243 8.65 3.70 6.96
C PRO A 243 9.87 4.53 7.31
N GLY A 244 9.84 5.77 6.80
CA GLY A 244 10.83 6.77 7.18
C GLY A 244 10.25 8.14 6.90
N GLY A 245 11.08 9.07 6.46
CA GLY A 245 10.65 10.41 6.14
C GLY A 245 10.70 10.64 4.64
N LEU A 246 10.71 11.91 4.26
CA LEU A 246 10.67 12.29 2.86
C LEU A 246 11.82 11.72 2.06
N ASP A 247 12.95 11.37 2.68
CA ASP A 247 14.06 10.81 1.92
C ASP A 247 13.69 9.58 1.15
N LEU A 248 12.67 8.82 1.57
CA LEU A 248 12.27 7.64 0.81
C LEU A 248 11.96 8.02 -0.62
N LEU A 249 11.41 9.21 -0.87
CA LEU A 249 11.07 9.58 -2.21
C LEU A 249 12.29 9.76 -3.10
N GLN A 250 13.30 10.52 -2.65
CA GLN A 250 14.50 10.69 -3.42
C GLN A 250 15.24 9.38 -3.58
N HIS A 251 15.31 8.57 -2.51
CA HIS A 251 15.97 7.27 -2.62
C HIS A 251 15.33 6.43 -3.68
N THR A 252 13.99 6.43 -3.73
CA THR A 252 13.25 5.68 -4.75
C THR A 252 13.65 6.13 -6.13
N ALA A 253 13.64 7.46 -6.37
CA ALA A 253 14.08 7.95 -7.68
C ALA A 253 15.47 7.45 -8.02
N ASN A 254 16.37 7.47 -7.04
CA ASN A 254 17.75 7.07 -7.25
C ASN A 254 17.86 5.60 -7.61
N VAL A 255 17.16 4.69 -6.88
CA VAL A 255 17.25 3.29 -7.24
C VAL A 255 16.57 2.97 -8.54
N VAL A 256 15.51 3.67 -8.88
CA VAL A 256 14.85 3.36 -10.13
C VAL A 256 15.73 3.81 -11.29
N LYS A 257 16.35 5.02 -11.20
CA LYS A 257 17.20 5.51 -12.31
C LYS A 257 18.33 4.53 -12.53
N ALA A 258 18.87 3.98 -11.45
CA ALA A 258 19.98 3.08 -11.67
C ALA A 258 19.51 1.73 -12.21
N HIS A 259 18.28 1.31 -11.85
CA HIS A 259 17.72 0.09 -12.40
C HIS A 259 17.52 0.23 -13.90
N LYS A 260 16.84 1.32 -14.37
CA LYS A 260 16.71 1.60 -15.81
C LYS A 260 18.07 1.53 -16.51
N ASN A 261 19.11 2.10 -15.87
N ASN A 261 19.08 2.18 -15.93
CA ASN A 261 20.44 2.13 -16.47
CA ASN A 261 20.39 2.25 -16.55
C ASN A 261 21.29 0.90 -16.09
C ASN A 261 21.32 1.14 -16.03
ZN ZN B . 2.86 -4.28 -7.53
ZN ZN C . 4.27 -4.18 -4.24
C01 YLH D . 2.76 -9.44 -6.09
C01 YLH D . 2.68 -9.51 -6.05
C02 YLH D . 3.85 -8.47 -6.66
C02 YLH D . 3.73 -8.50 -6.49
C03 YLH D . 5.23 -8.87 -6.09
C03 YLH D . 5.15 -8.89 -5.88
C04 YLH D . 6.10 -7.84 -5.63
C04 YLH D . 6.05 -7.86 -5.50
C06 YLH D . 7.00 -5.89 -5.21
C06 YLH D . 6.98 -5.90 -5.19
C07 YLH D . 7.10 -4.44 -5.35
C07 YLH D . 7.08 -4.40 -5.28
C10 YLH D . 7.93 -6.83 -4.84
C10 YLH D . 7.89 -6.83 -4.72
C11 YLH D . 9.25 -6.54 -4.18
C11 YLH D . 9.25 -6.50 -4.13
C12 YLH D . 9.36 -5.57 -3.18
C12 YLH D . 10.36 -7.28 -4.42
C13 YLH D . 10.56 -5.30 -2.56
C13 YLH D . 11.61 -6.94 -3.92
C15 YLH D . 11.69 -6.01 -2.87
C15 YLH D . 11.77 -5.86 -3.09
C16 YLH D . 13.03 -5.68 -2.16
C16 YLH D . 13.16 -5.47 -2.53
C18 YLH D . 13.08 -2.97 -3.24
C18 YLH D . 12.90 -2.77 -3.51
C21 YLH D . 11.56 -6.95 -3.86
C21 YLH D . 10.67 -5.08 -2.80
C22 YLH D . 10.37 -7.27 -4.49
C22 YLH D . 9.42 -5.40 -3.30
C23 YLH D . 7.35 -8.08 -5.07
C23 YLH D . 7.30 -8.11 -4.92
C24 YLH D . 7.80 -9.39 -4.91
C24 YLH D . 7.70 -9.43 -4.69
C25 YLH D . 6.98 -10.41 -5.40
C25 YLH D . 6.83 -10.46 -5.06
C26 YLH D . 5.69 -10.18 -5.95
C26 YLH D . 5.57 -10.20 -5.65
C28 YLH D . 3.61 -9.62 -8.96
C28 YLH D . 3.52 -9.50 -8.89
C29 YLH D . 3.91 -9.13 -10.23
C29 YLH D . 3.95 -9.02 -10.18
C30 YLH D . 3.77 -9.83 -11.56
C30 YLH D . 3.77 -9.73 -11.51
C31 YLH D . 2.86 -9.05 -12.45
C31 YLH D . 2.63 -9.20 -12.31
C32 YLH D . 2.94 -9.70 -13.86
C32 YLH D . 2.83 -9.41 -13.82
C35 YLH D . 4.43 -7.46 -8.79
C35 YLH D . 4.54 -7.44 -8.65
F14 YLH D . 10.59 -4.25 -1.69
F14 YLH D . 12.71 -7.75 -4.16
N05 YLH D . 5.89 -6.50 -5.66
N05 YLH D . 5.90 -6.53 -5.61
N27 YLH D . 3.90 -8.52 -8.10
N27 YLH D . 3.87 -8.51 -7.95
N33 YLH D . 2.05 -8.98 -14.75
N33 YLH D . 1.71 -8.85 -14.52
O08 YLH D . 8.25 -3.98 -5.72
O08 YLH D . 8.20 -3.90 -5.67
O09 YLH D . 6.07 -3.71 -5.27
O09 YLH D . 6.04 -3.73 -5.01
O19 YLH D . 14.18 -5.07 -4.49
O19 YLH D . 14.04 -4.72 -4.95
O20 YLH D . 15.20 -4.14 -2.42
O20 YLH D . 15.25 -3.75 -3.03
O34 YLH D . 4.40 -7.81 -10.14
O34 YLH D . 4.55 -7.77 -10.06
O36 YLH D . 4.77 -6.39 -8.40
O36 YLH D . 4.97 -6.42 -8.19
S17 YLH D . 13.99 -4.50 -3.14
S17 YLH D . 13.94 -4.17 -3.60
H012 YLH D . 2.65 -9.26 -5.03
H012 YLH D . 2.50 -9.41 -4.98
H011 YLH D . 3.07 -10.45 -6.26
H011 YLH D . 3.03 -10.51 -6.26
H013 YLH D . 1.81 -9.25 -6.59
H013 YLH D . 1.76 -9.33 -6.59
H021 YLH D . 3.59 -7.45 -6.41
H021 YLH D . 3.42 -7.50 -6.18
H121 YLH D . 8.48 -5.01 -2.89
H121 YLH D . 10.26 -8.15 -5.06
H162 YLH D . 12.82 -5.25 -1.18
H162 YLH D . 13.04 -5.08 -1.52
H161 YLH D . 13.60 -6.60 -2.04
H161 YLH D . 13.79 -6.34 -2.52
H181 YLH D . 13.69 -2.21 -3.73
H181 YLH D . 11.98 -2.97 -4.07
H183 YLH D . 12.84 -2.62 -2.24
H183 YLH D . 13.40 -1.91 -3.93
H182 YLH D . 12.17 -3.13 -3.81
H182 YLH D . 12.64 -2.58 -2.47
H211 YLH D . 12.45 -7.47 -4.17
H211 YLH D . 10.80 -4.21 -2.18
H221 YLH D . 10.34 -8.08 -5.22
H221 YLH D . 8.56 -4.79 -3.05
H241 YLH D . 8.74 -9.62 -4.44
H241 YLH D . 8.65 -9.64 -4.22
H251 YLH D . 7.33 -11.43 -5.34
H251 YLH D . 7.14 -11.48 -4.90
H261 YLH D . 5.07 -11.01 -6.28
H261 YLH D . 4.94 -11.03 -5.91
H1 YLH D . 2.81 -10.31 -8.77
H1 YLH D . 2.63 -10.09 -8.78
H301 YLH D . 3.36 -10.83 -11.39
H301 YLH D . 3.61 -10.78 -11.32
H302 YLH D . 4.74 -9.92 -12.02
H302 YLH D . 4.68 -9.61 -12.09
H312 YLH D . 3.17 -8.01 -12.51
H312 YLH D . 2.52 -8.14 -12.11
H311 YLH D . 1.83 -9.09 -12.08
H311 YLH D . 1.72 -9.71 -12.00
H322 YLH D . 2.64 -10.74 -13.80
H322 YLH D . 2.90 -10.47 -14.03
H321 YLH D . 3.96 -9.64 -14.23
H321 YLH D . 3.75 -8.93 -14.14
H051 YLH D . 5.05 -6.04 -5.96
H051 YLH D . 5.08 -6.09 -5.97
H332 YLH D . 1.56 -8.24 -14.25
H332 YLH D . 1.08 -8.43 -13.88
H331 YLH D . 1.35 -9.66 -15.05
H331 YLH D . 1.24 -9.62 -14.99
S DMS E . 10.92 -9.66 -7.61
O DMS E . 10.32 -11.12 -7.50
C1 DMS E . 11.12 -9.32 -9.36
C2 DMS E . 12.50 -9.70 -6.78
H11 DMS E . 10.17 -9.33 -9.84
H12 DMS E . 11.73 -10.06 -9.80
H13 DMS E . 11.56 -8.36 -9.49
H21 DMS E . 12.90 -8.73 -6.73
H22 DMS E . 13.16 -10.34 -7.32
H23 DMS E . 12.37 -10.09 -5.80
#